data_4I7A
#
_entry.id   4I7A
#
_cell.length_a   150.710
_cell.length_b   150.710
_cell.length_c   150.710
_cell.angle_alpha   90.000
_cell.angle_beta   90.000
_cell.angle_gamma   90.000
#
_symmetry.space_group_name_H-M   'I 2 3'
#
loop_
_entity.id
_entity.type
_entity.pdbx_description
1 polymer 'Ethanolamine utilization protein EutN/carboxysome structural protein Ccml'
2 non-polymer 'CHLORIDE ION'
3 water water
#
_entity_poly.entity_id   1
_entity_poly.type   'polypeptide(L)'
_entity_poly.pdbx_seq_one_letter_code
;MYLGKVIGTVVSTSKNESLSGTKLLVVARLTEKLIPDGSTQVVVDTVGAGNGEIVIVSCGSSARQSTGKDHSVIDAAVVG
IVDTVETVNHHHHHH
;
_entity_poly.pdbx_strand_id   A,B,C,D,E
#
# COMPACT_ATOMS: atom_id res chain seq x y z
N MET A 1 4.36 3.21 10.72
CA MET A 1 5.36 2.49 11.50
C MET A 1 4.70 1.38 12.29
N TYR A 2 5.39 0.25 12.42
CA TYR A 2 4.86 -0.88 13.19
C TYR A 2 5.93 -1.49 14.10
N LEU A 3 5.48 -2.31 15.05
CA LEU A 3 6.39 -2.99 15.95
C LEU A 3 6.81 -4.33 15.37
N GLY A 4 8.11 -4.58 15.36
CA GLY A 4 8.64 -5.83 14.82
C GLY A 4 9.77 -6.40 15.63
N LYS A 5 10.06 -7.69 15.41
CA LYS A 5 11.14 -8.37 16.10
C LYS A 5 12.11 -8.97 15.09
N VAL A 6 13.40 -8.68 15.27
CA VAL A 6 14.43 -9.18 14.36
C VAL A 6 14.55 -10.70 14.45
N ILE A 7 14.00 -11.39 13.46
CA ILE A 7 14.01 -12.84 13.44
C ILE A 7 15.34 -13.38 12.90
N GLY A 8 15.85 -12.74 11.85
CA GLY A 8 17.10 -13.18 11.25
C GLY A 8 17.69 -12.17 10.29
N THR A 9 18.51 -12.66 9.36
CA THR A 9 19.20 -11.80 8.41
C THR A 9 19.29 -12.44 7.01
N VAL A 10 19.28 -11.60 5.99
CA VAL A 10 19.36 -12.07 4.61
C VAL A 10 20.66 -11.61 3.94
N VAL A 11 21.33 -12.54 3.25
CA VAL A 11 22.55 -12.22 2.53
C VAL A 11 22.33 -12.33 1.03
N SER A 12 22.83 -11.34 0.29
CA SER A 12 22.70 -11.34 -1.17
C SER A 12 23.88 -10.64 -1.83
N THR A 13 24.54 -11.34 -2.75
CA THR A 13 25.69 -10.78 -3.45
C THR A 13 25.25 -10.00 -4.69
N SER A 14 24.45 -10.63 -5.53
CA SER A 14 23.95 -10.00 -6.76
C SER A 14 22.73 -9.13 -6.47
N LYS A 15 22.96 -7.97 -5.85
CA LYS A 15 21.86 -7.09 -5.49
C LYS A 15 22.01 -5.72 -6.14
N ASN A 16 21.02 -4.85 -5.93
CA ASN A 16 21.02 -3.51 -6.51
C ASN A 16 22.11 -2.63 -5.91
N GLU A 17 22.65 -1.74 -6.73
CA GLU A 17 23.75 -0.86 -6.32
C GLU A 17 23.41 0.02 -5.11
N SER A 18 22.14 0.35 -4.95
CA SER A 18 21.70 1.16 -3.82
C SER A 18 21.68 0.36 -2.52
N LEU A 19 21.74 -0.96 -2.65
CA LEU A 19 21.70 -1.84 -1.47
C LEU A 19 23.10 -2.29 -1.05
N SER A 20 24.12 -1.68 -1.65
CA SER A 20 25.50 -2.03 -1.34
C SER A 20 25.87 -1.62 0.09
N GLY A 21 26.42 -2.57 0.84
CA GLY A 21 26.81 -2.31 2.21
C GLY A 21 25.61 -2.09 3.12
N THR A 22 24.57 -2.89 2.93
CA THR A 22 23.36 -2.76 3.74
C THR A 22 23.05 -4.08 4.47
N LYS A 23 22.60 -3.96 5.71
CA LYS A 23 22.22 -5.13 6.50
C LYS A 23 20.74 -5.45 6.35
N LEU A 24 20.44 -6.57 5.70
CA LEU A 24 19.06 -6.97 5.47
C LEU A 24 18.58 -7.93 6.54
N LEU A 25 17.63 -7.47 7.36
CA LEU A 25 17.10 -8.30 8.44
C LEU A 25 15.70 -8.83 8.15
N VAL A 26 15.39 -9.99 8.70
CA VAL A 26 14.03 -10.54 8.64
C VAL A 26 13.26 -10.12 9.88
N VAL A 27 12.27 -9.26 9.71
CA VAL A 27 11.51 -8.75 10.84
C VAL A 27 10.04 -9.17 10.78
N ALA A 28 9.58 -9.84 11.84
CA ALA A 28 8.19 -10.26 11.94
C ALA A 28 7.38 -9.21 12.69
N ARG A 29 6.27 -8.80 12.09
CA ARG A 29 5.41 -7.76 12.68
C ARG A 29 4.77 -8.23 13.98
N LEU A 30 4.82 -7.37 15.00
CA LEU A 30 4.25 -7.69 16.30
C LEU A 30 2.93 -6.95 16.51
N THR A 31 2.13 -7.44 17.45
CA THR A 31 0.91 -6.74 17.85
C THR A 31 1.24 -5.77 18.97
N GLU A 32 0.20 -5.15 19.54
CA GLU A 32 0.39 -4.24 20.67
C GLU A 32 0.83 -4.98 21.91
N LYS A 33 0.46 -6.26 22.00
CA LYS A 33 0.85 -7.11 23.11
C LYS A 33 2.19 -7.81 22.83
N LEU A 34 2.89 -7.33 21.82
CA LEU A 34 4.19 -7.87 21.40
C LEU A 34 4.12 -9.32 20.93
N ILE A 35 2.94 -9.75 20.49
CA ILE A 35 2.78 -11.07 19.90
C ILE A 35 2.91 -10.98 18.38
N PRO A 36 3.86 -11.73 17.82
CA PRO A 36 4.13 -11.71 16.37
C PRO A 36 3.00 -12.33 15.55
N ASP A 37 2.47 -11.58 14.59
CA ASP A 37 1.50 -12.13 13.66
C ASP A 37 2.22 -12.76 12.48
N GLY A 38 1.49 -13.53 11.67
CA GLY A 38 2.07 -14.25 10.55
C GLY A 38 2.92 -13.45 9.57
N SER A 39 2.66 -12.15 9.50
CA SER A 39 3.38 -11.28 8.56
C SER A 39 4.88 -11.22 8.86
N THR A 40 5.68 -11.27 7.80
CA THR A 40 7.12 -11.13 7.90
C THR A 40 7.64 -10.28 6.75
N GLN A 41 8.71 -9.53 6.98
CA GLN A 41 9.24 -8.61 5.99
C GLN A 41 10.76 -8.49 6.06
N VAL A 42 11.38 -8.32 4.90
CA VAL A 42 12.82 -8.10 4.83
C VAL A 42 13.11 -6.60 4.85
N VAL A 43 13.69 -6.12 5.96
CA VAL A 43 13.95 -4.69 6.11
C VAL A 43 15.44 -4.39 6.24
N VAL A 44 15.82 -3.16 5.92
CA VAL A 44 17.21 -2.74 6.01
C VAL A 44 17.53 -2.17 7.39
N ASP A 45 18.59 -2.68 8.00
CA ASP A 45 19.02 -2.20 9.32
C ASP A 45 19.83 -0.91 9.16
N THR A 46 19.45 0.10 9.94
CA THR A 46 20.14 1.40 9.86
C THR A 46 20.66 1.83 11.23
N VAL A 47 19.91 1.51 12.28
CA VAL A 47 20.28 1.90 13.64
C VAL A 47 21.20 0.86 14.28
N GLY A 48 21.33 -0.29 13.63
CA GLY A 48 22.16 -1.36 14.15
C GLY A 48 21.41 -2.23 15.16
N ALA A 49 20.56 -3.11 14.64
CA ALA A 49 19.76 -3.98 15.50
C ALA A 49 20.31 -5.40 15.55
N GLY A 50 20.10 -6.07 16.68
CA GLY A 50 20.53 -7.44 16.86
C GLY A 50 19.35 -8.40 16.91
N ASN A 51 19.65 -9.69 16.96
CA ASN A 51 18.61 -10.72 17.02
C ASN A 51 17.80 -10.66 18.30
N GLY A 52 16.48 -10.79 18.16
CA GLY A 52 15.59 -10.80 19.30
C GLY A 52 15.16 -9.41 19.75
N GLU A 53 15.78 -8.39 19.17
CA GLU A 53 15.48 -7.01 19.53
C GLU A 53 14.17 -6.52 18.90
N ILE A 54 13.36 -5.82 19.69
CA ILE A 54 12.13 -5.23 19.20
C ILE A 54 12.43 -3.86 18.58
N VAL A 55 12.06 -3.70 17.32
CA VAL A 55 12.39 -2.47 16.59
C VAL A 55 11.16 -1.81 15.95
N ILE A 56 11.31 -0.53 15.63
CA ILE A 56 10.27 0.20 14.91
C ILE A 56 10.61 0.25 13.43
N VAL A 57 9.71 -0.28 12.60
CA VAL A 57 9.97 -0.34 11.16
C VAL A 57 9.09 0.61 10.35
N SER A 58 9.74 1.50 9.60
CA SER A 58 9.03 2.41 8.71
C SER A 58 8.95 1.87 7.29
N CYS A 59 7.78 1.97 6.67
CA CYS A 59 7.56 1.46 5.33
C CYS A 59 7.11 2.47 4.29
N GLY A 60 7.40 2.19 3.02
CA GLY A 60 7.00 3.07 1.94
C GLY A 60 8.04 4.07 1.46
N SER A 61 7.58 5.21 0.96
CA SER A 61 8.47 6.25 0.48
C SER A 61 9.29 6.85 1.62
N SER A 62 8.75 6.75 2.84
CA SER A 62 9.43 7.26 4.02
C SER A 62 10.70 6.47 4.30
N ALA A 63 10.71 5.21 3.90
CA ALA A 63 11.86 4.33 4.14
C ALA A 63 13.05 4.69 3.26
N ARG A 64 12.80 5.46 2.20
CA ARG A 64 13.86 5.87 1.29
C ARG A 64 14.84 6.81 1.99
N GLN A 65 14.33 7.60 2.92
CA GLN A 65 15.14 8.62 3.58
C GLN A 65 16.18 8.05 4.54
N SER A 66 16.47 6.76 4.41
CA SER A 66 17.52 6.13 5.20
C SER A 66 18.88 6.49 4.61
N HIS A 71 17.14 8.25 -3.76
CA HIS A 71 17.10 7.36 -4.89
C HIS A 71 17.45 5.92 -4.52
N SER A 72 17.00 5.47 -3.36
CA SER A 72 17.21 4.10 -2.92
C SER A 72 16.07 3.26 -3.41
N VAL A 73 16.23 1.95 -3.36
CA VAL A 73 15.17 1.04 -3.73
C VAL A 73 14.59 0.47 -2.46
N ILE A 74 14.93 1.08 -1.35
CA ILE A 74 14.46 0.69 -0.03
C ILE A 74 13.00 1.08 0.18
N ASP A 75 12.18 0.14 0.63
CA ASP A 75 10.78 0.41 0.92
C ASP A 75 10.39 -0.04 2.33
N ALA A 76 11.39 -0.45 3.10
CA ALA A 76 11.19 -0.90 4.48
C ALA A 76 12.52 -0.90 5.22
N ALA A 77 12.60 -0.16 6.31
CA ALA A 77 13.84 -0.07 7.07
C ALA A 77 13.59 0.18 8.56
N VAL A 78 14.47 -0.35 9.41
CA VAL A 78 14.41 -0.11 10.83
C VAL A 78 14.84 1.32 11.13
N VAL A 79 13.98 2.07 11.83
CA VAL A 79 14.25 3.48 12.11
C VAL A 79 14.36 3.76 13.61
N GLY A 80 14.39 2.70 14.42
CA GLY A 80 14.51 2.86 15.85
C GLY A 80 14.42 1.57 16.64
N ILE A 81 15.07 1.54 17.80
CA ILE A 81 15.03 0.40 18.69
C ILE A 81 14.15 0.70 19.90
N VAL A 82 13.08 -0.08 20.06
CA VAL A 82 12.11 0.14 21.12
C VAL A 82 12.70 -0.02 22.52
N ASP A 83 12.55 1.01 23.34
CA ASP A 83 12.96 0.93 24.74
C ASP A 83 11.88 0.22 25.54
N THR A 84 10.69 0.81 25.58
CA THR A 84 9.55 0.25 26.31
C THR A 84 8.25 0.47 25.55
N VAL A 85 7.24 -0.34 25.90
CA VAL A 85 5.90 -0.20 25.34
C VAL A 85 4.87 -0.30 26.47
N GLU A 86 3.74 0.37 26.29
CA GLU A 86 2.67 0.36 27.28
C GLU A 86 1.33 0.38 26.55
N THR A 87 0.38 -0.41 27.04
CA THR A 87 -0.94 -0.47 26.40
C THR A 87 -2.06 -0.21 27.42
N VAL A 88 -2.29 1.07 27.71
CA VAL A 88 -3.34 1.46 28.64
C VAL A 88 -4.73 1.15 28.08
N MET B 1 10.28 -4.56 1.28
CA MET B 1 10.95 -5.68 0.63
C MET B 1 10.41 -7.01 1.14
N TYR B 2 10.51 -8.05 0.30
CA TYR B 2 10.03 -9.37 0.67
C TYR B 2 10.70 -10.46 -0.15
N LEU B 3 10.71 -11.68 0.39
CA LEU B 3 11.32 -12.81 -0.29
C LEU B 3 10.32 -13.50 -1.19
N GLY B 4 10.66 -13.60 -2.47
CA GLY B 4 9.80 -14.25 -3.44
C GLY B 4 10.56 -15.23 -4.30
N LYS B 5 9.84 -15.99 -5.11
CA LYS B 5 10.46 -16.97 -5.97
C LYS B 5 9.91 -16.86 -7.36
N VAL B 6 10.78 -16.67 -8.33
CA VAL B 6 10.33 -16.55 -9.69
C VAL B 6 9.56 -17.78 -10.15
N ILE B 7 8.29 -17.58 -10.43
CA ILE B 7 7.39 -18.66 -10.77
C ILE B 7 7.19 -18.71 -12.26
N GLY B 8 7.36 -17.59 -12.93
CA GLY B 8 7.32 -17.56 -14.38
C GLY B 8 7.59 -16.18 -14.95
N THR B 9 7.12 -15.94 -16.17
CA THR B 9 7.35 -14.67 -16.85
C THR B 9 6.14 -14.21 -17.67
N VAL B 10 5.97 -12.90 -17.77
CA VAL B 10 4.87 -12.32 -18.53
C VAL B 10 5.37 -11.53 -19.72
N VAL B 11 4.76 -11.75 -20.89
CA VAL B 11 5.13 -11.03 -22.11
C VAL B 11 3.99 -10.11 -22.54
N SER B 12 4.34 -8.89 -22.95
CA SER B 12 3.35 -7.93 -23.39
C SER B 12 3.93 -6.98 -24.44
N THR B 13 3.27 -6.91 -25.60
CA THR B 13 3.72 -6.05 -26.69
C THR B 13 3.16 -4.64 -26.56
N SER B 14 1.84 -4.54 -26.38
CA SER B 14 1.17 -3.25 -26.24
C SER B 14 1.29 -2.75 -24.81
N LYS B 15 2.49 -2.30 -24.44
CA LYS B 15 2.73 -1.83 -23.08
C LYS B 15 3.23 -0.40 -23.05
N ASN B 16 3.37 0.15 -21.85
CA ASN B 16 3.84 1.52 -21.67
C ASN B 16 5.26 1.71 -22.19
N GLU B 17 5.55 2.92 -22.65
CA GLU B 17 6.88 3.24 -23.17
C GLU B 17 7.99 3.06 -22.14
N SER B 18 7.65 3.24 -20.87
CA SER B 18 8.61 3.08 -19.78
C SER B 18 8.93 1.61 -19.51
N LEU B 19 8.10 0.72 -20.04
CA LEU B 19 8.28 -0.71 -19.83
C LEU B 19 9.02 -1.37 -20.99
N SER B 20 9.55 -0.55 -21.89
CA SER B 20 10.26 -1.06 -23.06
C SER B 20 11.57 -1.74 -22.66
N GLY B 21 11.75 -2.96 -23.17
CA GLY B 21 12.95 -3.73 -22.89
C GLY B 21 13.06 -4.18 -21.45
N THR B 22 11.95 -4.60 -20.87
CA THR B 22 11.94 -5.07 -19.49
C THR B 22 11.44 -6.51 -19.40
N LYS B 23 12.08 -7.30 -18.53
CA LYS B 23 11.67 -8.68 -18.32
C LYS B 23 10.69 -8.77 -17.16
N LEU B 24 9.45 -9.13 -17.45
CA LEU B 24 8.41 -9.21 -16.44
C LEU B 24 8.30 -10.62 -15.88
N LEU B 25 8.64 -10.78 -14.60
CA LEU B 25 8.60 -12.09 -13.96
C LEU B 25 7.40 -12.25 -13.04
N VAL B 26 6.92 -13.49 -12.91
CA VAL B 26 5.88 -13.82 -11.95
C VAL B 26 6.52 -14.28 -10.65
N VAL B 27 6.39 -13.49 -9.59
CA VAL B 27 7.02 -13.82 -8.32
C VAL B 27 5.99 -14.05 -7.21
N ALA B 28 6.05 -15.23 -6.60
CA ALA B 28 5.18 -15.57 -5.48
C ALA B 28 5.88 -15.26 -4.17
N ARG B 29 5.21 -14.52 -3.30
CA ARG B 29 5.79 -14.13 -2.02
C ARG B 29 6.01 -15.32 -1.10
N LEU B 30 7.19 -15.40 -0.50
CA LEU B 30 7.52 -16.48 0.43
C LEU B 30 7.46 -15.98 1.86
N THR B 31 7.34 -16.92 2.80
CA THR B 31 7.42 -16.59 4.23
C THR B 31 8.86 -16.69 4.70
N GLU B 32 9.06 -16.55 6.02
CA GLU B 32 10.38 -16.68 6.60
C GLU B 32 10.88 -18.11 6.51
N LYS B 33 9.93 -19.05 6.45
CA LYS B 33 10.24 -20.46 6.32
C LYS B 33 10.36 -20.84 4.84
N LEU B 34 10.39 -19.82 3.98
CA LEU B 34 10.48 -20.00 2.53
C LEU B 34 9.31 -20.78 1.95
N ILE B 35 8.20 -20.79 2.66
CA ILE B 35 6.97 -21.39 2.16
C ILE B 35 6.11 -20.31 1.50
N PRO B 36 5.77 -20.51 0.22
CA PRO B 36 5.03 -19.51 -0.55
C PRO B 36 3.58 -19.34 -0.06
N ASP B 37 3.20 -18.11 0.26
CA ASP B 37 1.82 -17.81 0.59
C ASP B 37 1.06 -17.49 -0.69
N GLY B 38 -0.27 -17.45 -0.59
CA GLY B 38 -1.14 -17.24 -1.75
C GLY B 38 -0.81 -16.07 -2.65
N SER B 39 -0.15 -15.05 -2.10
CA SER B 39 0.20 -13.84 -2.84
C SER B 39 1.13 -14.10 -4.03
N THR B 40 0.83 -13.46 -5.14
CA THR B 40 1.66 -13.52 -6.34
C THR B 40 1.74 -12.13 -6.97
N GLN B 41 2.87 -11.81 -7.59
CA GLN B 41 3.07 -10.48 -8.14
C GLN B 41 3.91 -10.48 -9.42
N VAL B 42 3.59 -9.58 -10.33
CA VAL B 42 4.38 -9.40 -11.55
C VAL B 42 5.42 -8.31 -11.33
N VAL B 43 6.68 -8.70 -11.29
CA VAL B 43 7.77 -7.76 -11.02
C VAL B 43 8.74 -7.65 -12.19
N VAL B 44 9.45 -6.53 -12.26
CA VAL B 44 10.44 -6.31 -13.32
C VAL B 44 11.82 -6.81 -12.89
N ASP B 45 12.42 -7.63 -13.74
CA ASP B 45 13.76 -8.17 -13.47
C ASP B 45 14.82 -7.13 -13.83
N THR B 46 15.74 -6.88 -12.91
CA THR B 46 16.79 -5.90 -13.13
C THR B 46 18.19 -6.50 -12.94
N VAL B 47 18.30 -7.42 -11.98
CA VAL B 47 19.58 -8.05 -11.68
C VAL B 47 19.82 -9.29 -12.55
N GLY B 48 18.78 -9.72 -13.25
CA GLY B 48 18.87 -10.90 -14.10
C GLY B 48 18.64 -12.17 -13.31
N ALA B 49 17.39 -12.46 -13.00
CA ALA B 49 17.03 -13.65 -12.22
C ALA B 49 16.45 -14.75 -13.10
N GLY B 50 16.67 -16.00 -12.70
CA GLY B 50 16.14 -17.14 -13.41
C GLY B 50 15.04 -17.84 -12.65
N ASN B 51 14.42 -18.83 -13.28
CA ASN B 51 13.35 -19.59 -12.66
C ASN B 51 13.82 -20.40 -11.46
N GLY B 52 13.02 -20.39 -10.39
CA GLY B 52 13.32 -21.15 -9.20
C GLY B 52 14.23 -20.42 -8.22
N GLU B 53 14.80 -19.31 -8.66
CA GLU B 53 15.70 -18.52 -7.82
C GLU B 53 14.93 -17.69 -6.80
N ILE B 54 15.41 -17.69 -5.55
CA ILE B 54 14.82 -16.87 -4.51
C ILE B 54 15.43 -15.47 -4.56
N VAL B 55 14.58 -14.46 -4.72
CA VAL B 55 15.05 -13.09 -4.88
C VAL B 55 14.41 -12.13 -3.89
N ILE B 56 15.05 -10.97 -3.71
CA ILE B 56 14.49 -9.91 -2.87
C ILE B 56 13.78 -8.90 -3.75
N VAL B 57 12.49 -8.72 -3.51
CA VAL B 57 11.68 -7.83 -4.34
C VAL B 57 11.27 -6.56 -3.61
N SER B 58 11.64 -5.41 -4.18
CA SER B 58 11.22 -4.12 -3.65
C SER B 58 9.99 -3.64 -4.42
N CYS B 59 9.00 -3.13 -3.69
CA CYS B 59 7.75 -2.70 -4.32
C CYS B 59 7.37 -1.28 -3.92
N GLY B 60 6.54 -0.64 -4.74
CA GLY B 60 6.08 0.71 -4.46
C GLY B 60 6.85 1.77 -5.21
N SER B 61 6.90 2.97 -4.64
CA SER B 61 7.61 4.08 -5.26
C SER B 61 9.12 3.82 -5.33
N SER B 62 9.61 2.99 -4.41
CA SER B 62 11.02 2.65 -4.37
C SER B 62 11.45 1.85 -5.59
N ALA B 63 10.51 1.10 -6.16
CA ALA B 63 10.78 0.24 -7.30
C ALA B 63 11.00 1.02 -8.60
N ARG B 64 10.59 2.29 -8.61
CA ARG B 64 10.74 3.11 -9.80
C ARG B 64 12.22 3.40 -10.07
N GLN B 65 12.99 3.56 -9.00
CA GLN B 65 14.41 3.92 -9.12
C GLN B 65 15.29 2.77 -9.61
N SER B 66 14.68 1.75 -10.21
CA SER B 66 15.42 0.63 -10.77
C SER B 66 16.09 1.00 -12.09
N SER B 72 9.52 5.44 -14.41
CA SER B 72 8.92 4.15 -14.62
C SER B 72 7.50 4.21 -14.14
N VAL B 73 6.67 3.30 -14.63
CA VAL B 73 5.40 3.06 -14.03
C VAL B 73 5.63 1.76 -13.34
N ILE B 74 6.88 1.46 -13.08
CA ILE B 74 7.19 0.25 -12.32
C ILE B 74 6.89 0.43 -10.84
N ASP B 75 6.21 -0.54 -10.25
CA ASP B 75 5.88 -0.47 -8.83
C ASP B 75 6.33 -1.74 -8.09
N ALA B 76 7.09 -2.58 -8.79
CA ALA B 76 7.61 -3.82 -8.21
C ALA B 76 8.75 -4.34 -9.07
N ALA B 77 9.92 -4.52 -8.46
CA ALA B 77 11.10 -5.00 -9.19
C ALA B 77 12.06 -5.77 -8.30
N VAL B 78 12.73 -6.76 -8.89
CA VAL B 78 13.75 -7.53 -8.20
C VAL B 78 15.01 -6.69 -7.99
N VAL B 79 15.45 -6.58 -6.75
CA VAL B 79 16.60 -5.75 -6.41
C VAL B 79 17.75 -6.56 -5.82
N GLY B 80 17.63 -7.88 -5.86
CA GLY B 80 18.68 -8.75 -5.35
C GLY B 80 18.35 -10.22 -5.38
N ILE B 81 19.38 -11.05 -5.51
CA ILE B 81 19.22 -12.50 -5.48
C ILE B 81 19.76 -13.07 -4.18
N VAL B 82 18.89 -13.71 -3.41
CA VAL B 82 19.25 -14.24 -2.09
C VAL B 82 20.32 -15.33 -2.16
N ASP B 83 21.42 -15.13 -1.45
CA ASP B 83 22.44 -16.17 -1.32
C ASP B 83 22.00 -17.17 -0.26
N THR B 84 21.86 -16.68 0.97
CA THR B 84 21.40 -17.51 2.08
C THR B 84 20.50 -16.69 3.00
N VAL B 85 19.67 -17.39 3.77
CA VAL B 85 18.80 -16.76 4.74
C VAL B 85 18.83 -17.57 6.04
N GLU B 86 18.65 -16.91 7.18
CA GLU B 86 18.67 -17.59 8.47
C GLU B 86 17.63 -16.98 9.40
N THR B 87 16.92 -17.84 10.14
CA THR B 87 15.89 -17.38 11.06
C THR B 87 16.11 -17.96 12.46
N MET C 1 -6.82 7.68 5.31
CA MET C 1 -7.07 8.05 6.69
C MET C 1 -8.07 7.10 7.24
N TYR C 2 -7.94 6.80 8.51
CA TYR C 2 -8.80 5.84 9.19
C TYR C 2 -9.09 6.26 10.63
N LEU C 3 -10.08 5.62 11.24
CA LEU C 3 -10.43 5.89 12.63
C LEU C 3 -9.65 4.98 13.55
N GLY C 4 -9.02 5.56 14.56
CA GLY C 4 -8.23 4.80 15.50
C GLY C 4 -8.39 5.25 16.94
N LYS C 5 -7.99 4.40 17.87
CA LYS C 5 -8.07 4.72 19.29
C LYS C 5 -6.70 4.58 19.94
N VAL C 6 -6.27 5.63 20.64
CA VAL C 6 -4.97 5.63 21.29
C VAL C 6 -4.91 4.61 22.43
N ILE C 7 -4.25 3.48 22.16
CA ILE C 7 -4.14 2.41 23.13
C ILE C 7 -3.02 2.66 24.13
N GLY C 8 -1.88 3.13 23.62
CA GLY C 8 -0.73 3.38 24.46
C GLY C 8 0.35 4.21 23.80
N THR C 9 1.59 4.07 24.27
CA THR C 9 2.70 4.85 23.75
C THR C 9 3.98 4.03 23.67
N VAL C 10 4.83 4.37 22.70
CA VAL C 10 6.10 3.68 22.50
C VAL C 10 7.29 4.61 22.74
N VAL C 11 8.27 4.12 23.50
CA VAL C 11 9.47 4.89 23.78
C VAL C 11 10.70 4.27 23.11
N SER C 12 11.52 5.10 22.49
CA SER C 12 12.73 4.62 21.83
C SER C 12 13.85 5.67 21.86
N THR C 13 15.00 5.28 22.38
CA THR C 13 16.15 6.19 22.46
C THR C 13 16.97 6.16 21.17
N SER C 14 17.33 4.96 20.74
CA SER C 14 18.13 4.79 19.53
C SER C 14 17.23 4.84 18.30
N LYS C 15 16.77 6.03 17.96
CA LYS C 15 15.87 6.21 16.82
C LYS C 15 16.43 7.19 15.80
N ASN C 16 15.76 7.32 14.66
CA ASN C 16 16.18 8.22 13.61
C ASN C 16 16.18 9.68 14.06
N GLU C 17 17.09 10.47 13.52
CA GLU C 17 17.19 11.89 13.87
C GLU C 17 15.91 12.67 13.56
N SER C 18 15.17 12.21 12.55
CA SER C 18 13.91 12.85 12.17
C SER C 18 12.81 12.53 13.16
N LEU C 19 13.03 11.52 13.99
CA LEU C 19 12.04 11.10 14.98
C LEU C 19 12.35 11.69 16.36
N SER C 20 13.31 12.60 16.41
CA SER C 20 13.70 13.23 17.67
C SER C 20 12.60 14.12 18.23
N GLY C 21 12.27 13.90 19.51
CA GLY C 21 11.25 14.69 20.17
C GLY C 21 9.85 14.42 19.63
N THR C 22 9.57 13.15 19.35
CA THR C 22 8.26 12.78 18.82
C THR C 22 7.58 11.76 19.73
N LYS C 23 6.27 11.90 19.89
CA LYS C 23 5.49 10.99 20.71
C LYS C 23 4.91 9.85 19.86
N LEU C 24 5.39 8.64 20.11
CA LEU C 24 4.95 7.47 19.35
C LEU C 24 3.82 6.77 20.07
N LEU C 25 2.63 6.79 19.48
CA LEU C 25 1.46 6.18 20.10
C LEU C 25 1.07 4.85 19.44
N VAL C 26 0.48 3.97 20.23
CA VAL C 26 -0.09 2.73 19.71
C VAL C 26 -1.56 2.94 19.40
N VAL C 27 -1.90 2.91 18.11
CA VAL C 27 -3.28 3.16 17.69
C VAL C 27 -3.91 1.94 17.03
N ALA C 28 -5.03 1.51 17.57
CA ALA C 28 -5.78 0.38 17.02
C ALA C 28 -6.85 0.88 16.06
N ARG C 29 -6.86 0.33 14.85
CA ARG C 29 -7.80 0.75 13.82
C ARG C 29 -9.23 0.38 14.19
N LEU C 30 -10.14 1.34 14.04
CA LEU C 30 -11.54 1.12 14.37
C LEU C 30 -12.41 0.93 13.12
N THR C 31 -13.58 0.34 13.30
CA THR C 31 -14.57 0.23 12.23
C THR C 31 -15.48 1.45 12.25
N GLU C 32 -16.52 1.42 11.42
CA GLU C 32 -17.49 2.53 11.39
C GLU C 32 -18.32 2.54 12.67
N LYS C 33 -18.49 1.37 13.29
CA LYS C 33 -19.21 1.26 14.55
C LYS C 33 -18.27 1.45 15.73
N LEU C 34 -17.06 1.93 15.45
CA LEU C 34 -16.04 2.20 16.46
C LEU C 34 -15.58 0.97 17.25
N ILE C 35 -15.75 -0.21 16.67
CA ILE C 35 -15.23 -1.43 17.26
C ILE C 35 -13.85 -1.71 16.66
N PRO C 36 -12.83 -1.81 17.52
CA PRO C 36 -11.44 -1.99 17.06
C PRO C 36 -11.20 -3.34 16.39
N ASP C 37 -10.70 -3.31 15.16
CA ASP C 37 -10.30 -4.53 14.47
C ASP C 37 -8.85 -4.88 14.82
N GLY C 38 -8.44 -6.10 14.48
CA GLY C 38 -7.13 -6.60 14.82
C GLY C 38 -5.93 -5.74 14.47
N SER C 39 -6.07 -4.89 13.46
CA SER C 39 -4.96 -4.03 13.01
C SER C 39 -4.52 -3.05 14.09
N THR C 40 -3.20 -2.90 14.22
CA THR C 40 -2.62 -1.92 15.14
C THR C 40 -1.41 -1.28 14.49
N GLN C 41 -1.16 -0.01 14.80
CA GLN C 41 -0.07 0.73 14.16
C GLN C 41 0.57 1.74 15.11
N VAL C 42 1.87 1.94 14.95
CA VAL C 42 2.60 2.94 15.71
C VAL C 42 2.64 4.25 14.92
N VAL C 43 1.93 5.26 15.40
CA VAL C 43 1.83 6.53 14.69
C VAL C 43 2.43 7.69 15.50
N VAL C 44 2.82 8.75 14.80
CA VAL C 44 3.39 9.93 15.44
C VAL C 44 2.31 10.93 15.81
N ASP C 45 2.29 11.34 17.08
CA ASP C 45 1.33 12.33 17.57
C ASP C 45 1.79 13.74 17.23
N THR C 46 0.89 14.53 16.66
CA THR C 46 1.22 15.90 16.26
C THR C 46 0.27 16.92 16.89
N VAL C 47 -0.99 16.53 17.06
CA VAL C 47 -2.00 17.42 17.62
C VAL C 47 -2.04 17.33 19.15
N GLY C 48 -1.35 16.34 19.70
CA GLY C 48 -1.33 16.13 21.14
C GLY C 48 -2.52 15.33 21.61
N ALA C 49 -2.47 14.02 21.39
CA ALA C 49 -3.58 13.13 21.76
C ALA C 49 -3.27 12.34 23.03
N GLY C 50 -4.31 12.01 23.78
CA GLY C 50 -4.18 11.23 24.99
C GLY C 50 -4.76 9.83 24.82
N ASN C 51 -4.59 9.00 25.84
CA ASN C 51 -5.10 7.63 25.81
C ASN C 51 -6.63 7.58 25.78
N GLY C 52 -7.16 6.68 24.94
CA GLY C 52 -8.59 6.49 24.84
C GLY C 52 -9.27 7.42 23.86
N GLU C 53 -8.53 8.41 23.38
CA GLU C 53 -9.08 9.38 22.43
C GLU C 53 -9.18 8.81 21.02
N ILE C 54 -10.29 9.06 20.36
CA ILE C 54 -10.47 8.64 18.98
C ILE C 54 -9.86 9.68 18.05
N VAL C 55 -8.92 9.25 17.21
CA VAL C 55 -8.19 10.17 16.35
C VAL C 55 -8.23 9.77 14.88
N ILE C 56 -7.94 10.73 14.01
CA ILE C 56 -7.84 10.46 12.58
C ILE C 56 -6.37 10.28 12.21
N VAL C 57 -6.04 9.13 11.64
CA VAL C 57 -4.66 8.82 11.30
C VAL C 57 -4.41 8.81 9.81
N SER C 58 -3.48 9.65 9.36
CA SER C 58 -3.06 9.67 7.96
C SER C 58 -1.81 8.84 7.79
N CYS C 59 -1.76 8.05 6.71
CA CYS C 59 -0.63 7.15 6.49
C CYS C 59 -0.01 7.33 5.10
N GLY C 60 1.25 6.95 4.98
CA GLY C 60 1.96 7.03 3.72
C GLY C 60 2.84 8.26 3.63
N SER C 61 3.07 8.73 2.41
CA SER C 61 3.89 9.91 2.16
C SER C 61 3.25 11.18 2.73
N SER C 62 1.92 11.15 2.88
CA SER C 62 1.18 12.29 3.38
C SER C 62 1.53 12.61 4.84
N ALA C 63 1.89 11.58 5.59
CA ALA C 63 2.21 11.75 7.00
C ALA C 63 3.57 12.42 7.22
N ARG C 64 4.39 12.44 6.18
CA ARG C 64 5.71 13.04 6.25
C ARG C 64 5.66 14.55 6.40
N HIS C 71 12.43 15.44 5.49
CA HIS C 71 13.35 14.34 5.71
C HIS C 71 12.74 13.22 6.54
N SER C 72 11.45 13.33 6.83
CA SER C 72 10.79 12.41 7.72
C SER C 72 10.85 10.98 7.25
N VAL C 73 10.74 10.06 8.20
CA VAL C 73 10.64 8.65 7.90
C VAL C 73 9.30 8.17 8.43
N ILE C 74 8.45 9.14 8.75
CA ILE C 74 7.08 8.91 9.20
C ILE C 74 6.20 8.41 8.06
N ASP C 75 5.44 7.35 8.32
CA ASP C 75 4.51 6.81 7.33
C ASP C 75 3.13 6.65 7.94
N ALA C 76 2.96 7.17 9.16
CA ALA C 76 1.69 7.12 9.87
C ALA C 76 1.70 8.13 11.01
N ALA C 77 0.73 9.05 11.00
CA ALA C 77 0.67 10.09 12.03
C ALA C 77 -0.76 10.57 12.29
N VAL C 78 -1.03 10.95 13.53
CA VAL C 78 -2.32 11.52 13.90
C VAL C 78 -2.45 12.93 13.34
N VAL C 79 -3.51 13.17 12.57
CA VAL C 79 -3.70 14.46 11.93
C VAL C 79 -4.99 15.15 12.38
N GLY C 80 -5.65 14.59 13.40
CA GLY C 80 -6.86 15.18 13.92
C GLY C 80 -7.53 14.36 15.01
N ILE C 81 -8.25 15.06 15.90
CA ILE C 81 -9.00 14.40 16.95
C ILE C 81 -10.49 14.46 16.67
N VAL C 82 -11.12 13.30 16.53
CA VAL C 82 -12.52 13.20 16.17
C VAL C 82 -13.45 13.82 17.22
N ASP C 83 -14.28 14.76 16.79
CA ASP C 83 -15.31 15.34 17.65
C ASP C 83 -16.51 14.41 17.74
N THR C 84 -17.16 14.18 16.60
CA THR C 84 -18.33 13.31 16.53
C THR C 84 -18.30 12.46 15.27
N VAL C 85 -19.06 11.36 15.28
CA VAL C 85 -19.17 10.48 14.13
C VAL C 85 -20.63 10.14 13.86
N GLU C 86 -20.96 9.87 12.60
CA GLU C 86 -22.32 9.49 12.23
C GLU C 86 -22.27 8.47 11.11
N THR C 87 -23.09 7.43 11.22
CA THR C 87 -23.14 6.37 10.24
C THR C 87 -24.57 6.09 9.78
N VAL C 88 -25.07 6.88 8.84
CA VAL C 88 -26.42 6.70 8.34
C VAL C 88 -26.56 5.35 7.63
N ASN C 89 -27.62 4.62 7.97
CA ASN C 89 -27.91 3.35 7.34
C ASN C 89 -29.04 3.46 6.33
N MET D 1 -7.86 3.07 -7.47
CA MET D 1 -9.22 3.56 -7.23
C MET D 1 -10.17 2.40 -6.98
N TYR D 2 -11.12 2.60 -6.07
CA TYR D 2 -12.09 1.56 -5.76
C TYR D 2 -13.51 2.11 -5.68
N LEU D 3 -14.49 1.21 -5.68
CA LEU D 3 -15.88 1.60 -5.56
C LEU D 3 -16.29 1.64 -4.09
N GLY D 4 -16.89 2.73 -3.67
CA GLY D 4 -17.32 2.89 -2.29
C GLY D 4 -18.65 3.57 -2.13
N LYS D 5 -19.25 3.44 -0.96
CA LYS D 5 -20.53 4.05 -0.66
C LYS D 5 -20.42 4.94 0.58
N VAL D 6 -20.87 6.20 0.45
CA VAL D 6 -20.81 7.15 1.55
C VAL D 6 -21.73 6.74 2.69
N ILE D 7 -21.15 6.19 3.76
CA ILE D 7 -21.91 5.72 4.90
C ILE D 7 -22.26 6.87 5.86
N GLY D 8 -21.29 7.74 6.11
CA GLY D 8 -21.49 8.85 7.03
C GLY D 8 -20.42 9.92 6.95
N THR D 9 -20.27 10.67 8.04
CA THR D 9 -19.31 11.78 8.07
C THR D 9 -18.62 11.91 9.43
N VAL D 10 -17.38 12.39 9.40
CA VAL D 10 -16.58 12.58 10.61
C VAL D 10 -16.27 14.06 10.84
N VAL D 11 -16.45 14.53 12.07
CA VAL D 11 -16.15 15.91 12.43
C VAL D 11 -14.95 15.97 13.36
N SER D 12 -14.05 16.91 13.11
CA SER D 12 -12.86 17.09 13.94
C SER D 12 -12.40 18.54 13.96
N THR D 13 -12.27 19.09 15.17
CA THR D 13 -11.84 20.48 15.33
C THR D 13 -10.32 20.61 15.38
N SER D 14 -9.69 19.82 16.24
CA SER D 14 -8.24 19.86 16.39
C SER D 14 -7.57 19.00 15.33
N LYS D 15 -7.54 19.50 14.09
CA LYS D 15 -6.94 18.78 12.99
C LYS D 15 -5.84 19.60 12.33
N ASN D 16 -5.15 19.00 11.37
CA ASN D 16 -4.06 19.67 10.66
C ASN D 16 -4.54 20.92 9.92
N GLU D 17 -3.60 21.74 9.48
CA GLU D 17 -3.92 22.97 8.76
C GLU D 17 -4.32 22.68 7.33
N SER D 18 -3.94 21.50 6.83
CA SER D 18 -4.28 21.10 5.47
C SER D 18 -5.68 20.52 5.37
N LEU D 19 -6.27 20.19 6.52
CA LEU D 19 -7.61 19.61 6.55
C LEU D 19 -8.67 20.67 6.84
N SER D 20 -8.27 21.94 6.83
CA SER D 20 -9.17 23.04 7.12
C SER D 20 -10.25 23.18 6.04
N GLY D 21 -11.51 23.22 6.47
CA GLY D 21 -12.63 23.36 5.55
C GLY D 21 -12.82 22.15 4.66
N THR D 22 -12.65 20.96 5.23
CA THR D 22 -12.82 19.74 4.46
C THR D 22 -13.90 18.84 5.06
N LYS D 23 -14.70 18.23 4.19
CA LYS D 23 -15.74 17.31 4.63
C LYS D 23 -15.21 15.88 4.66
N LEU D 24 -15.11 15.31 5.85
CA LEU D 24 -14.59 13.96 6.02
C LEU D 24 -15.72 12.95 6.04
N LEU D 25 -15.79 12.10 5.02
CA LEU D 25 -16.85 11.11 4.92
C LEU D 25 -16.37 9.71 5.28
N VAL D 26 -17.28 8.90 5.80
CA VAL D 26 -17.01 7.49 6.04
C VAL D 26 -17.49 6.68 4.84
N VAL D 27 -16.54 6.11 4.10
CA VAL D 27 -16.88 5.36 2.90
C VAL D 27 -16.52 3.88 3.04
N ALA D 28 -17.52 3.03 2.87
CA ALA D 28 -17.31 1.58 2.92
C ALA D 28 -17.06 1.04 1.52
N ARG D 29 -16.00 0.28 1.37
CA ARG D 29 -15.63 -0.26 0.05
C ARG D 29 -16.64 -1.26 -0.45
N LEU D 30 -17.03 -1.11 -1.71
CA LEU D 30 -17.98 -2.02 -2.35
C LEU D 30 -17.24 -2.96 -3.28
N THR D 31 -17.87 -4.08 -3.62
CA THR D 31 -17.32 -5.00 -4.60
C THR D 31 -17.80 -4.60 -5.99
N GLU D 32 -17.49 -5.43 -6.98
CA GLU D 32 -17.95 -5.19 -8.35
C GLU D 32 -19.46 -5.38 -8.43
N LYS D 33 -19.99 -6.19 -7.51
CA LYS D 33 -21.42 -6.44 -7.41
C LYS D 33 -22.08 -5.40 -6.51
N LEU D 34 -21.34 -4.35 -6.17
CA LEU D 34 -21.83 -3.28 -5.30
C LEU D 34 -22.23 -3.77 -3.92
N ILE D 35 -21.65 -4.88 -3.50
CA ILE D 35 -21.84 -5.41 -2.15
C ILE D 35 -20.74 -4.88 -1.24
N PRO D 36 -21.13 -4.23 -0.14
CA PRO D 36 -20.16 -3.59 0.76
C PRO D 36 -19.41 -4.70 1.48
N ASP D 37 -18.07 -4.68 1.37
CA ASP D 37 -17.25 -5.59 2.16
C ASP D 37 -16.81 -4.92 3.44
N GLY D 38 -16.22 -5.70 4.36
CA GLY D 38 -15.80 -5.19 5.66
C GLY D 38 -14.98 -3.92 5.77
N SER D 39 -14.21 -3.62 4.73
CA SER D 39 -13.34 -2.45 4.72
C SER D 39 -14.09 -1.13 4.84
N THR D 40 -13.57 -0.23 5.66
CA THR D 40 -14.13 1.11 5.80
C THR D 40 -12.99 2.11 5.90
N GLN D 41 -13.20 3.31 5.36
CA GLN D 41 -12.14 4.32 5.32
C GLN D 41 -12.69 5.73 5.45
N VAL D 42 -11.92 6.60 6.09
CA VAL D 42 -12.27 8.01 6.20
C VAL D 42 -11.63 8.78 5.06
N VAL D 43 -12.45 9.25 4.12
CA VAL D 43 -11.93 9.94 2.94
C VAL D 43 -12.42 11.39 2.88
N VAL D 44 -11.68 12.22 2.16
CA VAL D 44 -12.02 13.62 2.00
C VAL D 44 -12.93 13.83 0.78
N ASP D 45 -14.06 14.49 1.00
CA ASP D 45 -14.98 14.78 -0.08
C ASP D 45 -14.52 16.00 -0.87
N THR D 46 -14.46 15.87 -2.19
CA THR D 46 -14.01 16.96 -3.05
C THR D 46 -15.04 17.32 -4.11
N VAL D 47 -15.75 16.30 -4.62
CA VAL D 47 -16.74 16.52 -5.66
C VAL D 47 -18.10 16.85 -5.07
N GLY D 48 -18.24 16.68 -3.77
CA GLY D 48 -19.50 16.94 -3.09
C GLY D 48 -20.44 15.76 -3.15
N ALA D 49 -20.18 14.75 -2.33
CA ALA D 49 -20.99 13.54 -2.33
C ALA D 49 -21.94 13.51 -1.14
N GLY D 50 -23.09 12.86 -1.32
CA GLY D 50 -24.06 12.72 -0.25
C GLY D 50 -24.16 11.28 0.22
N ASN D 51 -24.94 11.05 1.28
CA ASN D 51 -25.11 9.72 1.84
C ASN D 51 -25.81 8.76 0.87
N GLY D 52 -25.31 7.54 0.80
CA GLY D 52 -25.89 6.51 -0.04
C GLY D 52 -25.39 6.52 -1.47
N GLU D 53 -24.66 7.57 -1.83
CA GLU D 53 -24.13 7.69 -3.19
C GLU D 53 -22.90 6.82 -3.40
N ILE D 54 -22.84 6.13 -4.53
CA ILE D 54 -21.67 5.33 -4.88
C ILE D 54 -20.61 6.22 -5.53
N VAL D 55 -19.42 6.24 -4.95
CA VAL D 55 -18.37 7.13 -5.43
C VAL D 55 -17.07 6.42 -5.75
N ILE D 56 -16.21 7.08 -6.52
CA ILE D 56 -14.89 6.56 -6.83
C ILE D 56 -13.87 7.20 -5.90
N VAL D 57 -13.16 6.37 -5.13
CA VAL D 57 -12.21 6.86 -4.15
C VAL D 57 -10.76 6.59 -4.56
N SER D 58 -9.97 7.65 -4.67
CA SER D 58 -8.54 7.53 -4.94
C SER D 58 -7.75 7.59 -3.65
N CYS D 59 -6.75 6.71 -3.52
CA CYS D 59 -5.98 6.63 -2.29
C CYS D 59 -4.47 6.73 -2.54
N GLY D 60 -3.73 7.12 -1.52
CA GLY D 60 -2.29 7.22 -1.61
C GLY D 60 -1.80 8.63 -1.86
N SER D 61 -0.63 8.74 -2.50
CA SER D 61 -0.04 10.04 -2.81
C SER D 61 -0.89 10.82 -3.81
N SER D 62 -1.68 10.10 -4.60
CA SER D 62 -2.54 10.72 -5.60
C SER D 62 -3.63 11.58 -4.96
N ALA D 63 -4.04 11.22 -3.75
CA ALA D 63 -5.09 11.94 -3.04
C ALA D 63 -4.64 13.31 -2.54
N ARG D 64 -3.32 13.50 -2.46
CA ARG D 64 -2.78 14.77 -2.00
C ARG D 64 -3.04 15.88 -3.00
N GLN D 65 -3.01 15.53 -4.28
CA GLN D 65 -3.17 16.50 -5.36
C GLN D 65 -4.61 17.00 -5.52
N SER D 66 -5.43 16.81 -4.49
CA SER D 66 -6.79 17.33 -4.50
C SER D 66 -6.76 18.83 -4.22
N HIS D 71 1.03 20.06 0.08
CA HIS D 71 1.37 19.64 1.43
C HIS D 71 0.19 19.08 2.24
N SER D 72 -0.77 18.46 1.56
CA SER D 72 -1.91 17.86 2.23
C SER D 72 -1.44 16.67 3.01
N VAL D 73 -2.30 16.19 3.90
CA VAL D 73 -2.02 14.99 4.64
C VAL D 73 -3.09 13.99 4.24
N ILE D 74 -3.77 14.31 3.15
CA ILE D 74 -4.79 13.46 2.56
C ILE D 74 -4.16 12.25 1.87
N ASP D 75 -4.69 11.06 2.18
CA ASP D 75 -4.21 9.84 1.55
C ASP D 75 -5.38 9.05 0.97
N ALA D 76 -6.56 9.66 0.99
CA ALA D 76 -7.77 9.06 0.45
C ALA D 76 -8.83 10.13 0.25
N ALA D 77 -9.33 10.24 -0.98
CA ALA D 77 -10.33 11.25 -1.30
C ALA D 77 -11.25 10.83 -2.44
N VAL D 78 -12.50 11.26 -2.37
CA VAL D 78 -13.47 11.01 -3.43
C VAL D 78 -13.16 11.89 -4.65
N VAL D 79 -13.00 11.25 -5.81
CA VAL D 79 -12.64 11.97 -7.02
C VAL D 79 -13.69 11.85 -8.10
N GLY D 80 -14.85 11.28 -7.75
CA GLY D 80 -15.94 11.13 -8.70
C GLY D 80 -17.12 10.37 -8.15
N ILE D 81 -18.30 10.67 -8.67
CA ILE D 81 -19.53 9.98 -8.28
C ILE D 81 -19.98 9.04 -9.39
N VAL D 82 -20.05 7.75 -9.08
CA VAL D 82 -20.40 6.73 -10.07
C VAL D 82 -21.81 6.89 -10.63
N ASP D 83 -21.90 7.00 -11.95
CA ASP D 83 -23.19 7.12 -12.61
C ASP D 83 -23.74 5.72 -12.88
N THR D 84 -22.89 4.86 -13.43
CA THR D 84 -23.28 3.49 -13.72
C THR D 84 -22.05 2.60 -13.82
N VAL D 85 -22.20 1.34 -13.42
CA VAL D 85 -21.12 0.38 -13.52
C VAL D 85 -21.60 -0.92 -14.14
N GLU D 86 -20.93 -1.36 -15.19
CA GLU D 86 -21.34 -2.57 -15.89
C GLU D 86 -20.35 -3.71 -15.73
N THR D 87 -20.87 -4.87 -15.32
CA THR D 87 -20.09 -6.06 -15.17
C THR D 87 -20.46 -6.91 -16.34
N VAL D 88 -19.55 -7.72 -16.82
CA VAL D 88 -19.79 -8.49 -18.01
C VAL D 88 -19.08 -9.82 -18.01
N ASN D 89 -19.40 -10.62 -19.03
CA ASN D 89 -18.75 -11.89 -19.30
C ASN D 89 -18.76 -12.04 -20.81
N HIS D 90 -17.66 -12.43 -21.40
CA HIS D 90 -17.60 -12.52 -22.86
C HIS D 90 -17.40 -13.93 -23.37
N HIS D 91 -17.89 -14.19 -24.58
CA HIS D 91 -17.84 -15.50 -25.20
C HIS D 91 -18.39 -16.55 -24.24
N MET E 1 2.95 -4.49 -9.59
CA MET E 1 2.11 -4.78 -10.75
C MET E 1 1.47 -6.16 -10.60
N TYR E 2 0.22 -6.28 -11.05
CA TYR E 2 -0.49 -7.55 -10.97
C TYR E 2 -1.23 -7.89 -12.27
N LEU E 3 -1.65 -9.14 -12.39
CA LEU E 3 -2.42 -9.60 -13.53
C LEU E 3 -3.90 -9.42 -13.28
N GLY E 4 -4.60 -8.81 -14.24
CA GLY E 4 -6.02 -8.57 -14.10
C GLY E 4 -6.79 -8.81 -15.38
N LYS E 5 -8.10 -8.97 -15.25
CA LYS E 5 -8.97 -9.17 -16.39
C LYS E 5 -10.07 -8.12 -16.42
N VAL E 6 -10.23 -7.46 -17.56
CA VAL E 6 -11.24 -6.41 -17.71
C VAL E 6 -12.64 -6.99 -17.58
N ILE E 7 -13.25 -6.78 -16.41
CA ILE E 7 -14.58 -7.30 -16.13
C ILE E 7 -15.65 -6.37 -16.71
N GLY E 8 -15.45 -5.07 -16.56
CA GLY E 8 -16.41 -4.10 -17.03
C GLY E 8 -15.87 -2.68 -17.08
N THR E 9 -16.77 -1.71 -17.00
CA THR E 9 -16.41 -0.30 -17.09
C THR E 9 -17.23 0.56 -16.13
N VAL E 10 -16.63 1.65 -15.67
CA VAL E 10 -17.29 2.56 -14.75
C VAL E 10 -17.53 3.92 -15.41
N VAL E 11 -18.74 4.46 -15.27
CA VAL E 11 -19.06 5.76 -15.82
C VAL E 11 -19.29 6.77 -14.69
N SER E 12 -18.71 7.96 -14.86
CA SER E 12 -18.87 9.01 -13.86
C SER E 12 -18.78 10.39 -14.52
N THR E 13 -19.82 11.20 -14.33
CA THR E 13 -19.87 12.54 -14.91
C THR E 13 -19.19 13.56 -14.00
N SER E 14 -19.60 13.59 -12.74
CA SER E 14 -19.04 14.53 -11.78
C SER E 14 -17.73 14.01 -11.18
N LYS E 15 -16.67 14.07 -11.97
CA LYS E 15 -15.37 13.58 -11.52
C LYS E 15 -14.30 14.67 -11.54
N ASN E 16 -13.16 14.26 -11.06
CA ASN E 16 -12.04 15.19 -10.96
C ASN E 16 -11.50 15.61 -12.33
N GLU E 17 -10.99 16.84 -12.58
CA GLU E 17 -10.47 17.31 -13.87
C GLU E 17 -9.33 16.47 -14.40
N SER E 18 -8.58 15.83 -13.50
CA SER E 18 -7.47 14.98 -13.89
C SER E 18 -7.96 13.67 -14.50
N LEU E 19 -9.24 13.37 -14.30
CA LEU E 19 -9.83 12.15 -14.84
C LEU E 19 -10.56 12.42 -16.15
N SER E 20 -10.40 13.63 -16.67
CA SER E 20 -11.04 14.03 -17.91
C SER E 20 -10.51 13.23 -19.10
N GLY E 21 -11.43 12.65 -19.87
CA GLY E 21 -11.07 11.86 -21.02
C GLY E 21 -10.35 10.58 -20.66
N THR E 22 -10.79 9.94 -19.58
CA THR E 22 -10.21 8.68 -19.14
C THR E 22 -11.27 7.59 -19.08
N LYS E 23 -10.91 6.39 -19.53
CA LYS E 23 -11.82 5.25 -19.46
C LYS E 23 -11.57 4.43 -18.20
N LEU E 24 -12.55 4.40 -17.31
CA LEU E 24 -12.42 3.68 -16.04
C LEU E 24 -12.95 2.26 -16.17
N LEU E 25 -12.07 1.28 -16.06
CA LEU E 25 -12.45 -0.13 -16.20
C LEU E 25 -12.49 -0.85 -14.86
N VAL E 26 -13.35 -1.87 -14.78
CA VAL E 26 -13.38 -2.75 -13.62
C VAL E 26 -12.47 -3.94 -13.86
N VAL E 27 -11.38 -4.02 -13.11
CA VAL E 27 -10.42 -5.10 -13.28
C VAL E 27 -10.32 -6.00 -12.06
N ALA E 28 -10.56 -7.28 -12.26
CA ALA E 28 -10.45 -8.26 -11.19
C ALA E 28 -9.05 -8.87 -11.19
N ARG E 29 -8.40 -8.86 -10.03
CA ARG E 29 -7.04 -9.36 -9.90
C ARG E 29 -6.99 -10.86 -10.12
N LEU E 30 -6.05 -11.32 -10.94
CA LEU E 30 -5.91 -12.74 -11.22
C LEU E 30 -4.72 -13.34 -10.48
N THR E 31 -4.74 -14.66 -10.33
CA THR E 31 -3.61 -15.39 -9.77
C THR E 31 -2.65 -15.79 -10.88
N GLU E 32 -1.64 -16.58 -10.55
CA GLU E 32 -0.69 -17.06 -11.55
C GLU E 32 -1.38 -18.06 -12.48
N LYS E 33 -2.41 -18.73 -11.97
CA LYS E 33 -3.19 -19.67 -12.76
C LYS E 33 -4.33 -18.96 -13.48
N LEU E 34 -4.28 -17.64 -13.47
CA LEU E 34 -5.28 -16.78 -14.13
C LEU E 34 -6.70 -16.95 -13.59
N ILE E 35 -6.81 -17.44 -12.36
CA ILE E 35 -8.11 -17.51 -11.69
C ILE E 35 -8.30 -16.26 -10.83
N PRO E 36 -9.40 -15.53 -11.08
CA PRO E 36 -9.65 -14.27 -10.37
C PRO E 36 -9.95 -14.46 -8.89
N ASP E 37 -9.20 -13.77 -8.04
CA ASP E 37 -9.47 -13.77 -6.61
C ASP E 37 -10.47 -12.65 -6.28
N GLY E 38 -11.01 -12.67 -5.07
CA GLY E 38 -12.03 -11.72 -4.65
C GLY E 38 -11.72 -10.26 -4.88
N SER E 39 -10.44 -9.92 -4.93
CA SER E 39 -10.02 -8.53 -5.11
C SER E 39 -10.46 -7.97 -6.47
N THR E 40 -10.92 -6.73 -6.47
CA THR E 40 -11.29 -6.02 -7.68
C THR E 40 -10.92 -4.56 -7.52
N GLN E 41 -10.58 -3.89 -8.62
CA GLN E 41 -10.13 -2.51 -8.57
C GLN E 41 -10.56 -1.72 -9.79
N VAL E 42 -10.82 -0.43 -9.60
CA VAL E 42 -11.14 0.47 -10.70
C VAL E 42 -9.86 1.14 -11.21
N VAL E 43 -9.45 0.76 -12.42
CA VAL E 43 -8.21 1.28 -12.98
C VAL E 43 -8.44 2.09 -14.25
N VAL E 44 -7.49 2.97 -14.57
CA VAL E 44 -7.58 3.79 -15.77
C VAL E 44 -6.95 3.12 -16.97
N ASP E 45 -7.70 3.04 -18.06
CA ASP E 45 -7.20 2.43 -19.30
C ASP E 45 -6.36 3.44 -20.07
N THR E 46 -5.16 3.02 -20.48
CA THR E 46 -4.26 3.90 -21.20
C THR E 46 -3.83 3.31 -22.54
N VAL E 47 -3.67 1.99 -22.57
CA VAL E 47 -3.25 1.30 -23.79
C VAL E 47 -4.42 0.94 -24.68
N GLY E 48 -5.63 1.08 -24.15
CA GLY E 48 -6.84 0.75 -24.88
C GLY E 48 -7.16 -0.74 -24.80
N ALA E 49 -7.71 -1.15 -23.66
CA ALA E 49 -8.04 -2.55 -23.43
C ALA E 49 -9.55 -2.80 -23.56
N GLY E 50 -9.90 -4.01 -23.98
CA GLY E 50 -11.29 -4.40 -24.11
C GLY E 50 -11.70 -5.41 -23.06
N ASN E 51 -12.99 -5.74 -23.04
CA ASN E 51 -13.52 -6.69 -22.06
C ASN E 51 -12.99 -8.11 -22.26
N GLY E 52 -12.64 -8.76 -21.16
CA GLY E 52 -12.17 -10.13 -21.18
C GLY E 52 -10.67 -10.25 -21.41
N GLU E 53 -10.03 -9.15 -21.78
CA GLU E 53 -8.59 -9.15 -22.04
C GLU E 53 -7.79 -9.11 -20.75
N ILE E 54 -6.74 -9.91 -20.69
CA ILE E 54 -5.85 -9.92 -19.53
C ILE E 54 -4.81 -8.81 -19.65
N VAL E 55 -4.77 -7.93 -18.64
CA VAL E 55 -3.89 -6.76 -18.69
C VAL E 55 -2.99 -6.66 -17.47
N ILE E 56 -1.92 -5.88 -17.61
CA ILE E 56 -1.02 -5.61 -16.50
C ILE E 56 -1.36 -4.28 -15.84
N VAL E 57 -1.66 -4.30 -14.55
CA VAL E 57 -2.05 -3.10 -13.85
C VAL E 57 -1.00 -2.60 -12.86
N SER E 58 -0.57 -1.36 -13.05
CA SER E 58 0.38 -0.73 -12.13
C SER E 58 -0.39 0.17 -11.16
N CYS E 59 -0.02 0.12 -9.89
CA CYS E 59 -0.72 0.88 -8.87
C CYS E 59 0.22 1.75 -8.03
N GLY E 60 -0.33 2.79 -7.42
CA GLY E 60 0.44 3.68 -6.57
C GLY E 60 0.87 4.95 -7.29
N SER E 61 1.98 5.52 -6.82
CA SER E 61 2.52 6.74 -7.42
C SER E 61 3.00 6.51 -8.85
N SER E 62 3.36 5.27 -9.16
CA SER E 62 3.84 4.90 -10.49
C SER E 62 2.76 5.05 -11.54
N ALA E 63 1.51 4.86 -11.14
CA ALA E 63 0.37 4.94 -12.05
C ALA E 63 0.06 6.38 -12.45
N ARG E 64 0.57 7.34 -11.68
CA ARG E 64 0.32 8.75 -11.95
C ARG E 64 0.98 9.22 -13.23
N GLN E 65 2.17 8.68 -13.52
CA GLN E 65 2.95 9.11 -14.68
C GLN E 65 2.40 8.59 -16.01
N SER E 66 1.14 8.15 -16.00
CA SER E 66 0.48 7.72 -17.22
C SER E 66 0.04 8.93 -18.05
N HIS E 71 0.04 15.46 -12.07
CA HIS E 71 -0.85 16.01 -11.06
C HIS E 71 -2.13 15.21 -10.97
N SER E 72 -2.08 14.00 -11.53
CA SER E 72 -3.21 13.10 -11.56
C SER E 72 -3.65 12.71 -10.19
N VAL E 73 -4.80 12.07 -10.13
CA VAL E 73 -5.28 11.50 -8.90
C VAL E 73 -5.48 10.04 -9.21
N ILE E 74 -4.79 9.59 -10.24
CA ILE E 74 -4.76 8.19 -10.62
C ILE E 74 -3.81 7.40 -9.71
N ASP E 75 -4.29 6.27 -9.20
CA ASP E 75 -3.47 5.41 -8.35
C ASP E 75 -3.47 3.96 -8.85
N ALA E 76 -4.05 3.76 -10.02
CA ALA E 76 -4.11 2.44 -10.64
C ALA E 76 -4.46 2.58 -12.12
N ALA E 77 -3.60 2.04 -12.98
CA ALA E 77 -3.81 2.16 -14.43
C ALA E 77 -3.22 0.97 -15.20
N VAL E 78 -3.89 0.62 -16.30
CA VAL E 78 -3.40 -0.43 -17.18
C VAL E 78 -2.18 0.05 -17.97
N VAL E 79 -1.09 -0.69 -17.88
CA VAL E 79 0.15 -0.30 -18.53
C VAL E 79 0.63 -1.32 -19.56
N GLY E 80 -0.23 -2.30 -19.86
CA GLY E 80 0.12 -3.30 -20.85
C GLY E 80 -0.89 -4.41 -21.00
N ILE E 81 -0.96 -4.98 -22.21
CA ILE E 81 -1.84 -6.11 -22.48
C ILE E 81 -1.02 -7.39 -22.62
N VAL E 82 -1.30 -8.36 -21.75
CA VAL E 82 -0.53 -9.61 -21.71
C VAL E 82 -0.63 -10.42 -23.00
N ASP E 83 0.52 -10.72 -23.59
CA ASP E 83 0.59 -11.60 -24.76
C ASP E 83 0.54 -13.07 -24.33
N THR E 84 1.53 -13.47 -23.53
CA THR E 84 1.62 -14.85 -23.06
C THR E 84 2.00 -14.90 -21.58
N VAL E 85 1.74 -16.04 -20.97
CA VAL E 85 2.10 -16.27 -19.57
C VAL E 85 2.75 -17.63 -19.41
N GLU E 86 3.57 -17.75 -18.39
CA GLU E 86 4.38 -18.92 -18.28
C GLU E 86 4.59 -19.21 -16.82
N THR E 87 4.08 -20.32 -16.36
CA THR E 87 4.36 -20.74 -15.01
C THR E 87 5.24 -21.94 -15.16
N VAL E 88 6.12 -22.16 -14.20
CA VAL E 88 7.08 -23.22 -14.34
C VAL E 88 7.47 -23.84 -13.01
N ASN E 89 8.23 -24.91 -13.10
CA ASN E 89 8.82 -25.58 -11.96
C ASN E 89 10.16 -26.13 -12.43
N HIS E 90 11.23 -25.95 -11.66
CA HIS E 90 12.53 -26.40 -12.12
C HIS E 90 13.13 -27.51 -11.28
N HIS E 91 13.96 -28.33 -11.91
CA HIS E 91 14.58 -29.48 -11.27
C HIS E 91 13.52 -30.33 -10.60
#